data_8DJH
#
_entry.id   8DJH
#
_cell.length_a   37.776
_cell.length_b   47.460
_cell.length_c   63.632
_cell.angle_alpha   90.000
_cell.angle_beta   90.000
_cell.angle_gamma   90.000
#
_symmetry.space_group_name_H-M   'P 21 21 21'
#
loop_
_entity.id
_entity.type
_entity.pdbx_description
1 polymer 'Small ubiquitin-related modifier 1'
2 polymer 'PML 4SD'
3 non-polymer 'ZINC ION'
4 water water
#
loop_
_entity_poly.entity_id
_entity_poly.type
_entity_poly.pdbx_seq_one_letter_code
_entity_poly.pdbx_strand_id
1 'polypeptide(L)'
;GSDQEAKPSTEDLGDKKEGEYIKLKVIGQDSSEIHFKVKMTTHLKKLKESYAQRQGVPMNSLRFLFEGQRIADNHTPKEL
GMEEEDVIEVYQEQTGG
;
A
2 'polypeptide(L)' GSGAGEAEERVVVIDDDEDDDAENSSSRY B
#
loop_
_chem_comp.id
_chem_comp.type
_chem_comp.name
_chem_comp.formula
ZN non-polymer 'ZINC ION' 'Zn 2'
#
# COMPACT_ATOMS: atom_id res chain seq x y z
N THR A 10 -2.82 -22.89 -11.03
CA THR A 10 -3.44 -21.88 -11.88
C THR A 10 -3.41 -20.49 -11.23
N GLU A 11 -3.84 -20.44 -9.97
CA GLU A 11 -3.85 -19.23 -9.12
C GLU A 11 -2.39 -18.81 -8.91
N ASP A 12 -1.50 -19.79 -8.69
CA ASP A 12 -0.07 -19.54 -8.49
C ASP A 12 0.58 -19.03 -9.79
N LEU A 13 0.21 -19.64 -10.93
CA LEU A 13 0.69 -19.15 -12.22
C LEU A 13 0.07 -17.80 -12.58
N GLY A 14 -1.17 -17.54 -12.16
CA GLY A 14 -1.73 -16.22 -12.33
C GLY A 14 -0.95 -15.17 -11.55
N ASP A 15 -0.58 -15.51 -10.30
CA ASP A 15 0.12 -14.57 -9.43
C ASP A 15 1.47 -14.18 -10.00
N LYS A 16 2.23 -15.15 -10.51
CA LYS A 16 3.62 -14.87 -10.88
C LYS A 16 3.73 -14.13 -12.22
N LYS A 17 2.74 -14.29 -13.10
CA LYS A 17 2.69 -13.48 -14.30
C LYS A 17 2.64 -11.99 -13.97
N GLU A 18 1.85 -11.63 -12.95
CA GLU A 18 1.75 -10.25 -12.48
C GLU A 18 2.99 -9.76 -11.74
N GLY A 19 3.97 -10.64 -11.53
CA GLY A 19 5.18 -10.24 -10.84
C GLY A 19 5.05 -10.35 -9.34
N GLU A 20 6.04 -9.76 -8.67
CA GLU A 20 6.18 -9.83 -7.23
C GLU A 20 5.48 -8.68 -6.54
N TYR A 21 5.12 -8.89 -5.27
CA TYR A 21 4.83 -7.80 -4.35
C TYR A 21 6.06 -6.99 -4.01
N ILE A 22 5.91 -5.67 -4.00
CA ILE A 22 6.81 -4.77 -3.28
C ILE A 22 6.18 -4.38 -1.94
N LYS A 23 7.04 -4.14 -0.96
CA LYS A 23 6.66 -3.82 0.41
C LYS A 23 6.88 -2.33 0.61
N LEU A 24 5.80 -1.60 0.87
CA LEU A 24 5.88 -0.17 1.12
C LEU A 24 5.71 0.08 2.61
N LYS A 25 6.27 1.17 3.09
CA LYS A 25 6.05 1.58 4.46
C LYS A 25 5.20 2.85 4.48
N VAL A 26 4.11 2.81 5.23
CA VAL A 26 3.17 3.92 5.35
C VAL A 26 3.36 4.49 6.75
N ILE A 27 3.74 5.77 6.80
CA ILE A 27 4.08 6.46 8.03
C ILE A 27 2.97 7.43 8.35
N GLY A 28 2.41 7.31 9.56
CA GLY A 28 1.30 8.14 9.98
C GLY A 28 1.74 9.48 10.55
N GLN A 29 0.77 10.33 10.82
CA GLN A 29 1.02 11.65 11.42
C GLN A 29 1.77 11.49 12.75
N ASP A 30 1.55 10.40 13.47
CA ASP A 30 2.18 10.12 14.77
C ASP A 30 3.47 9.31 14.62
N SER A 31 4.04 9.23 13.44
CA SER A 31 5.26 8.47 13.07
C SER A 31 5.10 6.94 13.32
N SER A 32 3.89 6.46 13.53
CA SER A 32 3.71 5.00 13.50
C SER A 32 3.81 4.50 12.06
N GLU A 33 3.99 3.17 11.92
CA GLU A 33 4.32 2.57 10.62
C GLU A 33 3.48 1.32 10.39
N ILE A 34 2.91 1.20 9.19
CA ILE A 34 2.30 -0.04 8.74
C ILE A 34 2.86 -0.33 7.36
N HIS A 35 3.32 -1.57 7.11
CA HIS A 35 3.79 -1.94 5.79
C HIS A 35 2.64 -2.51 4.97
N PHE A 36 2.65 -2.27 3.68
CA PHE A 36 1.72 -2.86 2.74
C PHE A 36 2.46 -3.48 1.57
N LYS A 37 2.06 -4.68 1.19
CA LYS A 37 2.55 -5.34 -0.01
C LYS A 37 1.56 -5.11 -1.14
N VAL A 38 2.08 -4.63 -2.27
CA VAL A 38 1.25 -4.45 -3.44
C VAL A 38 2.05 -4.85 -4.66
N LYS A 39 1.32 -5.24 -5.73
CA LYS A 39 1.93 -5.46 -7.04
C LYS A 39 2.04 -4.15 -7.82
N MET A 40 2.88 -4.17 -8.85
CA MET A 40 3.25 -2.91 -9.54
C MET A 40 2.08 -2.29 -10.28
N THR A 41 1.06 -3.09 -10.63
CA THR A 41 -0.11 -2.60 -11.37
C THR A 41 -1.36 -2.48 -10.48
N THR A 42 -1.22 -2.59 -9.19
CA THR A 42 -2.35 -2.40 -8.28
C THR A 42 -2.71 -0.94 -8.13
N HIS A 43 -4.01 -0.61 -8.20
CA HIS A 43 -4.46 0.74 -7.86
C HIS A 43 -4.32 1.02 -6.37
N LEU A 44 -3.64 2.12 -6.03
CA LEU A 44 -3.32 2.40 -4.64
C LEU A 44 -4.55 2.77 -3.81
N LYS A 45 -5.73 2.94 -4.42
CA LYS A 45 -6.95 3.20 -3.63
C LYS A 45 -7.11 2.09 -2.59
N LYS A 46 -6.76 0.86 -2.96
CA LYS A 46 -6.95 -0.27 -2.04
C LYS A 46 -6.06 -0.13 -0.81
N LEU A 47 -4.84 0.37 -1.00
CA LEU A 47 -3.97 0.68 0.15
C LEU A 47 -4.54 1.84 0.98
N LYS A 48 -4.98 2.90 0.31
CA LYS A 48 -5.52 4.05 1.05
C LYS A 48 -6.69 3.62 1.90
N GLU A 49 -7.59 2.81 1.34
CA GLU A 49 -8.79 2.39 2.06
C GLU A 49 -8.44 1.48 3.23
N SER A 50 -7.52 0.55 3.01
CA SER A 50 -7.12 -0.35 4.10
C SER A 50 -6.50 0.44 5.24
N TYR A 51 -5.62 1.37 4.90
CA TYR A 51 -4.95 2.19 5.91
C TYR A 51 -5.96 3.03 6.69
N ALA A 52 -6.85 3.71 5.96
CA ALA A 52 -7.88 4.50 6.61
C ALA A 52 -8.73 3.64 7.53
N GLN A 53 -9.16 2.48 7.05
CA GLN A 53 -9.94 1.57 7.85
C GLN A 53 -9.22 1.19 9.12
N ARG A 54 -7.91 0.95 9.07
CA ARG A 54 -7.20 0.54 10.28
C ARG A 54 -7.01 1.73 11.24
N GLN A 55 -7.04 2.96 10.73
CA GLN A 55 -6.91 4.14 11.57
C GLN A 55 -8.25 4.64 12.09
N GLY A 56 -9.35 4.04 11.68
CA GLY A 56 -10.66 4.46 12.14
C GLY A 56 -11.15 5.78 11.56
N VAL A 57 -10.69 6.16 10.38
CA VAL A 57 -11.07 7.50 9.85
C VAL A 57 -11.49 7.35 8.42
N PRO A 58 -12.30 8.30 7.93
CA PRO A 58 -12.66 8.33 6.49
C PRO A 58 -11.44 8.45 5.60
N MET A 59 -11.47 7.76 4.46
CA MET A 59 -10.37 7.86 3.51
C MET A 59 -10.19 9.29 3.01
N ASN A 60 -11.29 10.02 2.81
CA ASN A 60 -11.17 11.35 2.27
C ASN A 60 -10.79 12.39 3.31
N SER A 61 -10.59 11.98 4.56
CA SER A 61 -10.00 12.86 5.55
C SER A 61 -8.48 12.87 5.51
N LEU A 62 -7.89 12.06 4.65
CA LEU A 62 -6.44 11.82 4.59
C LEU A 62 -5.95 12.18 3.20
N ARG A 63 -4.70 12.59 3.12
CA ARG A 63 -3.97 12.61 1.85
C ARG A 63 -2.69 11.81 2.03
N PHE A 64 -2.35 11.04 0.99
CA PHE A 64 -1.27 10.07 0.94
C PHE A 64 -0.25 10.58 -0.06
N LEU A 65 0.99 10.80 0.41
CA LEU A 65 2.02 11.39 -0.43
C LEU A 65 3.17 10.42 -0.68
N PHE A 66 3.72 10.46 -1.87
CA PHE A 66 4.91 9.72 -2.24
C PHE A 66 5.93 10.75 -2.68
N GLU A 67 7.03 10.88 -1.92
CA GLU A 67 8.03 11.91 -2.18
C GLU A 67 7.34 13.27 -2.32
N GLY A 68 6.33 13.50 -1.46
CA GLY A 68 5.61 14.74 -1.41
C GLY A 68 4.46 14.91 -2.39
N GLN A 69 4.18 14.16 -3.28
CA GLN A 69 3.17 13.99 -4.37
C GLN A 69 1.95 13.24 -3.87
N ARG A 70 0.86 13.85 -4.44
CA ARG A 70 -0.40 13.22 -4.04
C ARG A 70 -0.60 11.90 -4.79
N ILE A 71 -0.97 10.86 -4.05
CA ILE A 71 -1.26 9.56 -4.62
C ILE A 71 -2.74 9.47 -4.91
N ALA A 72 -3.09 9.33 -6.20
CA ALA A 72 -4.46 9.24 -6.66
C ALA A 72 -4.97 7.83 -6.44
N ASP A 73 -6.30 7.70 -6.45
CA ASP A 73 -6.91 6.38 -6.26
C ASP A 73 -6.39 5.38 -7.30
N ASN A 74 -6.24 5.82 -8.54
CA ASN A 74 -5.86 4.91 -9.60
C ASN A 74 -4.43 5.07 -10.02
N HIS A 75 -3.62 5.67 -9.15
CA HIS A 75 -2.17 5.63 -9.38
C HIS A 75 -1.79 4.18 -9.11
N THR A 76 -0.77 3.70 -9.80
CA THR A 76 -0.14 2.43 -9.48
C THR A 76 1.30 2.63 -9.06
N PRO A 77 1.88 1.67 -8.36
CA PRO A 77 3.31 1.79 -8.07
C PRO A 77 4.13 1.97 -9.35
N LYS A 78 3.75 1.28 -10.43
CA LYS A 78 4.46 1.43 -11.69
C LYS A 78 4.43 2.89 -12.15
N GLU A 79 3.23 3.48 -12.18
CA GLU A 79 3.13 4.88 -12.57
C GLU A 79 4.02 5.76 -11.72
N LEU A 80 4.02 5.52 -10.40
CA LEU A 80 4.77 6.38 -9.50
C LEU A 80 6.25 6.11 -9.50
N GLY A 81 6.70 5.04 -10.14
CA GLY A 81 8.10 4.67 -9.99
C GLY A 81 8.49 4.16 -8.64
N MET A 82 7.54 3.57 -7.91
CA MET A 82 7.80 3.05 -6.58
C MET A 82 8.62 1.76 -6.66
N GLU A 83 9.37 1.51 -5.60
CA GLU A 83 10.26 0.38 -5.50
C GLU A 83 10.15 -0.21 -4.09
N GLU A 84 10.69 -1.42 -3.93
CA GLU A 84 10.73 -2.06 -2.64
C GLU A 84 11.31 -1.10 -1.60
N GLU A 85 10.66 -1.03 -0.44
CA GLU A 85 11.02 -0.26 0.74
C GLU A 85 10.76 1.24 0.59
N ASP A 86 10.03 1.67 -0.44
CA ASP A 86 9.67 3.08 -0.55
C ASP A 86 8.63 3.44 0.50
N VAL A 87 8.52 4.74 0.77
CA VAL A 87 7.71 5.25 1.88
C VAL A 87 6.52 6.01 1.30
N ILE A 88 5.37 5.84 1.93
CA ILE A 88 4.21 6.70 1.72
C ILE A 88 3.98 7.44 3.03
N GLU A 89 3.78 8.76 2.96
CA GLU A 89 3.44 9.56 4.13
C GLU A 89 1.95 9.90 4.11
N VAL A 90 1.33 9.92 5.28
CA VAL A 90 -0.08 10.18 5.46
C VAL A 90 -0.21 11.46 6.27
N TYR A 91 -0.95 12.42 5.72
CA TYR A 91 -1.26 13.67 6.37
C TYR A 91 -2.77 13.92 6.37
N GLN A 92 -3.20 14.84 7.22
CA GLN A 92 -4.59 15.29 7.16
C GLN A 92 -4.85 15.98 5.82
N GLU A 93 -6.03 15.72 5.26
CA GLU A 93 -6.47 16.47 4.09
C GLU A 93 -6.48 17.97 4.39
N GLN A 94 -6.18 18.77 3.37
CA GLN A 94 -6.08 20.21 3.49
C GLN A 94 -7.43 20.89 3.25
N ALA B 7 5.28 -1.44 20.00
CA ALA B 7 4.64 -1.70 18.72
C ALA B 7 5.30 -2.82 17.91
N GLU B 8 4.48 -3.79 17.45
CA GLU B 8 4.97 -4.90 16.66
C GLU B 8 4.85 -4.59 15.17
N GLU B 9 5.69 -5.26 14.40
CA GLU B 9 5.67 -5.15 12.96
C GLU B 9 4.32 -5.50 12.36
N ARG B 10 3.87 -4.68 11.40
CA ARG B 10 2.60 -4.88 10.73
C ARG B 10 2.82 -4.87 9.22
N VAL B 11 2.51 -5.99 8.56
CA VAL B 11 2.54 -6.08 7.10
C VAL B 11 1.17 -6.50 6.61
N VAL B 12 0.54 -5.66 5.78
CA VAL B 12 -0.77 -5.96 5.19
C VAL B 12 -0.56 -6.27 3.72
N VAL B 13 -1.16 -7.37 3.25
CA VAL B 13 -1.12 -7.72 1.84
C VAL B 13 -2.38 -7.21 1.16
N ILE B 14 -2.21 -6.33 0.17
CA ILE B 14 -3.31 -5.86 -0.67
C ILE B 14 -3.45 -6.88 -1.78
N ASP B 15 -4.52 -7.69 -1.70
CA ASP B 15 -4.58 -8.96 -2.40
C ASP B 15 -4.79 -8.77 -3.90
N ASP B 16 -5.67 -7.84 -4.27
CA ASP B 16 -6.03 -7.68 -5.68
C ASP B 16 -6.49 -8.99 -6.32
N ASP B 17 -5.70 -10.08 -6.17
CA ASP B 17 -6.07 -11.46 -6.55
C ASP B 17 -7.48 -11.51 -7.15
N ASP B 21 -4.38 -14.51 -1.65
CA ASP B 21 -4.64 -14.93 -0.26
C ASP B 21 -3.88 -14.02 0.71
N ALA B 22 -4.54 -12.95 1.16
CA ALA B 22 -3.90 -11.93 1.98
C ALA B 22 -3.48 -12.42 3.37
N GLU B 23 -3.78 -13.66 3.73
CA GLU B 23 -3.45 -14.15 5.06
C GLU B 23 -1.95 -14.12 5.32
N ASN B 24 -1.14 -14.59 4.35
CA ASN B 24 0.29 -14.79 4.59
C ASN B 24 1.08 -13.56 4.14
N SER B 25 1.50 -12.76 5.10
CA SER B 25 2.17 -11.52 4.76
C SER B 25 3.62 -11.71 4.39
N SER B 26 4.13 -12.95 4.47
CA SER B 26 5.47 -13.22 3.98
C SER B 26 5.51 -13.40 2.48
N SER B 27 4.33 -13.46 1.86
CA SER B 27 4.23 -13.80 0.45
C SER B 27 4.89 -12.75 -0.42
N ARG B 28 5.39 -13.19 -1.56
CA ARG B 28 5.91 -12.26 -2.56
C ARG B 28 5.25 -12.46 -3.91
N TYR B 29 4.38 -13.46 -4.04
CA TYR B 29 3.57 -13.57 -5.26
C TYR B 29 2.08 -13.74 -4.96
ZN ZN C . -3.73 -15.21 -6.41
ZN ZN D . 12.30 -5.32 1.55
ZN ZN E . 8.57 -2.09 9.97
ZN ZN F . 12.70 5.45 -3.42
#